data_3H3G
#
_entry.id   3H3G
#
_cell.length_a   84.041
_cell.length_b   84.041
_cell.length_c   164.455
_cell.angle_alpha   90.000
_cell.angle_beta   90.000
_cell.angle_gamma   90.000
#
_symmetry.space_group_name_H-M   'P 41 21 2'
#
loop_
_entity.id
_entity.type
_entity.pdbx_description
1 polymer 'Fusion protein of Maltose-binding periplasmic domain and human parathyroid hormone receptor extracellular domain'
2 polymer 'Parathyroid hormone-related protein'
3 branched alpha-D-glucopyranose-(1-4)-alpha-D-glucopyranose
4 water water
#
loop_
_entity_poly.entity_id
_entity_poly.type
_entity_poly.pdbx_seq_one_letter_code
_entity_poly.pdbx_strand_id
1 'polypeptide(L)'
;MAKIEEGKLVIWINGDKGYNGLAEVGKKFEKDTGIKVTVEHPDKLEEKFPQVAATGDGPDIIFWAHDRFGGYAQSGLLAE
ITPDKAFQDKLYPFTWDAVRYNGKLIAYPIAVEALSLIYNKDLLPNPPKTWEEIPALDKELKAKGKSALMFNLQEPYFTW
PLIAADGGYAFKYENGKYDIKDVGVDNAGAKAGLTFLVDLIKNKHMNADTDYSIAEAAFNKGETAMTINGPWAWSNIDTS
KVNYGVTVLPTFKGQPSKPFVGVLSAGINAASPNKELAKEFLENYLLTDEGLEAVNKDKPLGAVALKSYEEELAKDPRIA
ATMENAQKGEIMPNIPQMSAFWYAVRTAVINAASGRQTVDEALKDAQTNAAAEFDDVMTKEEQIFLLHRAQAQCEKRLKE
VLQRPASIMESDKGWTSASTSGKPRKDKASGKLYPESEEDKEAPTGSRYRGRPCLPEWDHILCWPLGAPGEVVAVPCPDY
IYDFNHKGHAYRRCDRNGSWELVPGHNRTWANYSECVKFLTNETREREVFDRLHHHHHH
;
A
2 'polypeptide(L)' GKSIQDLRRRFFLHHLIAEIHTA(NH2) B
#
# COMPACT_ATOMS: atom_id res chain seq x y z
N ALA A 2 2.40 30.76 -4.90
CA ALA A 2 3.86 31.01 -5.10
C ALA A 2 4.44 29.87 -5.94
N LYS A 3 5.35 30.25 -6.83
CA LYS A 3 6.03 29.37 -7.77
C LYS A 3 7.53 29.36 -7.44
N ILE A 4 8.23 28.31 -7.85
CA ILE A 4 9.63 28.11 -7.46
C ILE A 4 10.56 29.23 -7.96
N GLU A 5 11.42 29.69 -7.06
CA GLU A 5 12.37 30.76 -7.32
C GLU A 5 13.65 30.47 -6.54
N GLU A 6 14.80 30.74 -7.14
CA GLU A 6 16.06 30.58 -6.40
C GLU A 6 16.00 31.46 -5.12
N GLY A 7 16.29 30.89 -3.96
CA GLY A 7 16.45 31.70 -2.74
C GLY A 7 15.23 31.84 -1.86
N LYS A 8 14.20 31.06 -2.16
CA LYS A 8 12.95 31.00 -1.39
C LYS A 8 12.52 29.53 -1.37
N LEU A 9 11.67 29.17 -0.42
CA LEU A 9 11.07 27.84 -0.40
C LEU A 9 9.56 27.94 -0.49
N VAL A 10 8.98 27.02 -1.26
CA VAL A 10 7.54 26.79 -1.35
C VAL A 10 7.32 25.36 -0.89
N ILE A 11 6.38 25.19 0.02
CA ILE A 11 6.07 23.90 0.63
C ILE A 11 4.58 23.59 0.39
N TRP A 12 4.29 22.34 0.00
CA TRP A 12 2.91 21.87 -0.13
C TRP A 12 2.66 20.86 0.94
N ILE A 13 1.53 21.00 1.64
CA ILE A 13 1.10 20.02 2.63
C ILE A 13 -0.42 19.93 2.53
N ASN A 14 -1.01 18.78 2.92
CA ASN A 14 -2.47 18.62 2.90
C ASN A 14 -3.23 19.57 3.85
N GLY A 15 -4.36 20.06 3.35
CA GLY A 15 -5.20 21.01 4.07
C GLY A 15 -5.77 20.49 5.38
N ASP A 16 -5.75 19.18 5.59
CA ASP A 16 -6.11 18.61 6.91
C ASP A 16 -5.01 18.67 8.00
N LYS A 17 -3.76 18.98 7.61
CA LYS A 17 -2.61 19.01 8.53
C LYS A 17 -2.34 20.42 9.07
N GLY A 18 -1.34 20.52 9.96
CA GLY A 18 -1.04 21.79 10.62
C GLY A 18 -0.22 22.77 9.80
N TYR A 19 -0.78 23.21 8.67
CA TYR A 19 -0.07 24.13 7.75
C TYR A 19 0.22 25.49 8.35
N ASN A 20 -0.65 25.96 9.24
CA ASN A 20 -0.37 27.23 9.94
C ASN A 20 0.85 27.06 10.85
N GLY A 21 0.90 25.93 11.57
CA GLY A 21 2.04 25.66 12.43
C GLY A 21 3.31 25.54 11.60
N LEU A 22 3.23 24.85 10.47
CA LEU A 22 4.36 24.75 9.56
C LEU A 22 4.77 26.12 9.03
N ALA A 23 3.79 26.96 8.69
CA ALA A 23 4.05 28.36 8.32
C ALA A 23 4.84 29.11 9.40
N GLU A 24 4.50 28.89 10.67
CA GLU A 24 5.24 29.54 11.76
C GLU A 24 6.72 29.11 11.79
N VAL A 25 6.98 27.82 11.57
CA VAL A 25 8.37 27.35 11.46
C VAL A 25 9.05 28.05 10.28
N GLY A 26 8.31 28.20 9.16
CA GLY A 26 8.81 28.91 7.97
C GLY A 26 9.16 30.36 8.20
N LYS A 27 8.43 31.03 9.08
CA LYS A 27 8.70 32.43 9.40
C LYS A 27 9.89 32.58 10.34
N LYS A 28 10.04 31.62 11.25
CA LYS A 28 11.22 31.55 12.10
C LYS A 28 12.48 31.38 11.23
N PHE A 29 12.41 30.49 10.24
CA PHE A 29 13.49 30.31 9.27
C PHE A 29 13.85 31.62 8.53
N GLU A 30 12.83 32.32 8.04
CA GLU A 30 13.01 33.63 7.37
C GLU A 30 13.62 34.69 8.29
N LYS A 31 13.21 34.68 9.56
CA LYS A 31 13.77 35.62 10.53
C LYS A 31 15.26 35.37 10.78
N ASP A 32 15.64 34.09 10.71
CA ASP A 32 17.01 33.68 10.97
C ASP A 32 17.95 33.73 9.78
N THR A 33 17.41 33.67 8.57
CA THR A 33 18.23 33.50 7.36
C THR A 33 17.92 34.46 6.22
N GLY A 34 16.83 35.22 6.32
CA GLY A 34 16.32 36.00 5.19
C GLY A 34 15.66 35.22 4.06
N ILE A 35 15.56 33.91 4.20
CA ILE A 35 14.95 33.06 3.19
C ILE A 35 13.45 32.93 3.44
N LYS A 36 12.63 33.46 2.52
CA LYS A 36 11.19 33.32 2.63
C LYS A 36 10.75 31.87 2.39
N VAL A 37 9.80 31.43 3.21
CA VAL A 37 9.22 30.09 3.15
C VAL A 37 7.72 30.26 3.09
N THR A 38 7.13 29.77 2.02
CA THR A 38 5.70 29.85 1.79
C THR A 38 5.13 28.45 1.92
N VAL A 39 4.04 28.31 2.68
CA VAL A 39 3.32 27.02 2.84
C VAL A 39 1.93 27.09 2.17
N GLU A 40 1.65 26.18 1.23
CA GLU A 40 0.36 26.10 0.55
C GLU A 40 -0.29 24.75 0.78
N HIS A 41 -1.61 24.68 0.66
CA HIS A 41 -2.30 23.42 0.76
C HIS A 41 -3.23 23.22 -0.45
N PRO A 42 -2.65 22.99 -1.65
CA PRO A 42 -3.47 22.83 -2.86
C PRO A 42 -4.35 21.58 -2.77
N ASP A 43 -5.54 21.61 -3.36
CA ASP A 43 -6.38 20.40 -3.39
C ASP A 43 -5.70 19.33 -4.26
N LYS A 44 -5.83 18.07 -3.86
CA LYS A 44 -5.31 16.93 -4.64
C LYS A 44 -3.83 17.12 -4.94
N LEU A 45 -3.08 17.57 -3.92
CA LEU A 45 -1.69 17.95 -4.13
C LEU A 45 -0.85 16.72 -4.53
N GLU A 46 -1.24 15.55 -4.03
CA GLU A 46 -0.53 14.30 -4.29
C GLU A 46 -0.66 13.83 -5.76
N GLU A 47 -1.71 14.29 -6.41
CA GLU A 47 -1.95 14.02 -7.83
C GLU A 47 -1.40 15.14 -8.69
N LYS A 48 -1.43 16.34 -8.14
CA LYS A 48 -0.97 17.54 -8.85
C LYS A 48 0.56 17.50 -9.01
N PHE A 49 1.26 17.04 -7.98
CA PHE A 49 2.72 17.12 -7.95
C PHE A 49 3.39 16.54 -9.21
N PRO A 50 3.12 15.24 -9.55
CA PRO A 50 3.74 14.70 -10.76
C PRO A 50 3.31 15.37 -12.06
N GLN A 51 2.07 15.88 -12.09
CA GLN A 51 1.55 16.55 -13.28
C GLN A 51 2.23 17.88 -13.58
N VAL A 52 2.68 18.58 -12.53
CA VAL A 52 3.15 19.96 -12.69
C VAL A 52 4.62 20.23 -12.32
N ALA A 53 5.30 19.28 -11.67
CA ALA A 53 6.73 19.46 -11.35
C ALA A 53 7.55 19.73 -12.60
N ALA A 54 7.32 18.94 -13.66
CA ALA A 54 8.06 19.08 -14.92
C ALA A 54 7.85 20.43 -15.59
N THR A 55 6.69 21.04 -15.37
CA THR A 55 6.36 22.30 -16.06
C THR A 55 6.86 23.50 -15.28
N GLY A 56 7.32 23.26 -14.04
CA GLY A 56 7.91 24.30 -13.22
C GLY A 56 6.99 24.88 -12.15
N ASP A 57 5.87 24.21 -11.94
CA ASP A 57 4.83 24.70 -11.04
C ASP A 57 4.70 23.90 -9.74
N GLY A 58 5.65 23.02 -9.47
CA GLY A 58 5.61 22.26 -8.22
C GLY A 58 6.17 23.10 -7.08
N PRO A 59 6.16 22.54 -5.86
CA PRO A 59 6.82 23.19 -4.75
C PRO A 59 8.27 22.69 -4.61
N ASP A 60 9.07 23.35 -3.77
CA ASP A 60 10.40 22.83 -3.41
C ASP A 60 10.29 21.59 -2.54
N ILE A 61 9.29 21.56 -1.66
CA ILE A 61 9.11 20.46 -0.71
C ILE A 61 7.64 20.01 -0.70
N ILE A 62 7.42 18.69 -0.79
CA ILE A 62 6.06 18.15 -0.74
C ILE A 62 5.91 17.22 0.46
N PHE A 63 4.82 17.43 1.19
CA PHE A 63 4.50 16.61 2.35
C PHE A 63 3.34 15.69 1.99
N TRP A 64 3.54 14.39 2.16
CA TRP A 64 2.49 13.40 2.02
C TRP A 64 2.92 12.18 2.80
N ALA A 65 1.97 11.29 3.08
CA ALA A 65 2.32 9.97 3.55
C ALA A 65 3.29 9.30 2.57
N HIS A 66 4.16 8.45 3.12
CA HIS A 66 5.25 7.82 2.40
C HIS A 66 4.82 6.95 1.20
N ASP A 67 3.54 6.55 1.15
CA ASP A 67 3.10 5.57 0.14
C ASP A 67 3.16 6.12 -1.29
N ARG A 68 3.00 7.43 -1.45
CA ARG A 68 3.06 8.04 -2.76
C ARG A 68 4.48 8.25 -3.30
N PHE A 69 5.48 8.14 -2.43
CA PHE A 69 6.84 8.58 -2.76
C PHE A 69 7.67 7.66 -3.66
N GLY A 70 7.44 6.33 -3.61
CA GLY A 70 8.09 5.44 -4.53
C GLY A 70 7.73 5.76 -5.98
N GLY A 71 6.46 6.07 -6.23
CA GLY A 71 6.03 6.50 -7.57
C GLY A 71 6.75 7.76 -8.06
N TYR A 72 6.87 8.75 -7.18
CA TYR A 72 7.54 10.02 -7.52
C TYR A 72 9.01 9.79 -7.78
N ALA A 73 9.66 8.99 -6.93
CA ALA A 73 11.07 8.63 -7.16
C ALA A 73 11.26 7.91 -8.48
N GLN A 74 10.37 6.95 -8.77
CA GLN A 74 10.46 6.18 -10.02
C GLN A 74 10.45 7.12 -11.24
N SER A 75 9.65 8.18 -11.12
CA SER A 75 9.39 9.13 -12.19
C SER A 75 10.47 10.18 -12.26
N GLY A 76 11.45 10.07 -11.36
CA GLY A 76 12.57 11.00 -11.27
C GLY A 76 12.20 12.38 -10.77
N LEU A 77 11.30 12.45 -9.80
CA LEU A 77 10.79 13.75 -9.33
C LEU A 77 11.32 14.17 -7.98
N LEU A 78 12.05 13.27 -7.30
CA LEU A 78 12.56 13.54 -5.96
C LEU A 78 14.09 13.48 -5.92
N ALA A 79 14.70 14.41 -5.18
CA ALA A 79 16.13 14.41 -4.92
C ALA A 79 16.42 13.36 -3.85
N GLU A 80 17.55 12.65 -3.96
CA GLU A 80 17.98 11.77 -2.88
C GLU A 80 18.39 12.68 -1.74
N ILE A 81 18.02 12.30 -0.52
CA ILE A 81 18.35 13.09 0.65
C ILE A 81 19.60 12.54 1.34
N THR A 82 20.44 13.46 1.80
CA THR A 82 21.77 13.12 2.29
C THR A 82 21.93 13.47 3.78
N PRO A 83 21.04 12.95 4.67
CA PRO A 83 21.26 13.23 6.10
C PRO A 83 22.40 12.36 6.60
N ASP A 84 23.29 12.91 7.43
CA ASP A 84 24.35 12.06 7.96
C ASP A 84 23.84 11.09 9.03
N LYS A 85 24.69 10.17 9.42
CA LYS A 85 24.33 9.09 10.34
C LYS A 85 23.86 9.66 11.68
N ALA A 86 24.53 10.73 12.12
CA ALA A 86 24.16 11.46 13.33
C ALA A 86 22.73 12.00 13.26
N PHE A 87 22.33 12.55 12.12
CA PHE A 87 20.94 12.98 11.99
C PHE A 87 19.98 11.79 11.93
N GLN A 88 20.37 10.74 11.23
CA GLN A 88 19.54 9.55 11.10
C GLN A 88 19.24 8.90 12.46
N ASP A 89 20.26 8.88 13.33
CA ASP A 89 20.15 8.34 14.69
C ASP A 89 19.06 9.01 15.56
N LYS A 90 18.62 10.20 15.15
CA LYS A 90 17.63 10.97 15.90
C LYS A 90 16.21 10.51 15.61
N LEU A 91 16.02 9.83 14.50
CA LEU A 91 14.69 9.32 14.14
C LEU A 91 14.65 7.81 14.25
N TYR A 92 13.46 7.25 14.46
CA TYR A 92 13.29 5.80 14.55
C TYR A 92 13.67 5.11 13.24
N PRO A 93 14.46 4.02 13.34
CA PRO A 93 14.84 3.20 12.19
C PRO A 93 13.67 2.86 11.27
N PHE A 94 12.53 2.42 11.83
CA PHE A 94 11.43 1.99 11.00
C PHE A 94 10.85 3.15 10.18
N THR A 95 11.09 4.39 10.61
CA THR A 95 10.59 5.52 9.82
C THR A 95 11.47 5.76 8.60
N TRP A 96 12.78 5.60 8.75
CA TRP A 96 13.70 5.65 7.61
C TRP A 96 13.36 4.57 6.58
N ASP A 97 13.05 3.35 7.05
CA ASP A 97 12.67 2.24 6.18
C ASP A 97 11.47 2.60 5.28
N ALA A 98 10.52 3.35 5.84
CA ALA A 98 9.35 3.74 5.13
C ALA A 98 9.67 4.67 3.93
N VAL A 99 10.80 5.38 3.99
CA VAL A 99 11.16 6.35 2.97
C VAL A 99 12.41 5.92 2.16
N ARG A 100 12.71 4.61 2.22
CA ARG A 100 13.76 4.02 1.43
C ARG A 100 13.17 3.44 0.15
N TYR A 101 13.75 3.82 -0.98
CA TYR A 101 13.34 3.32 -2.28
C TYR A 101 14.54 2.93 -3.15
N ASN A 102 14.59 1.68 -3.56
CA ASN A 102 15.79 1.10 -4.19
C ASN A 102 17.07 1.44 -3.44
N GLY A 103 17.04 1.29 -2.12
CA GLY A 103 18.25 1.47 -1.31
C GLY A 103 18.68 2.90 -1.09
N LYS A 104 17.85 3.86 -1.53
CA LYS A 104 18.09 5.27 -1.34
C LYS A 104 16.97 5.90 -0.54
N LEU A 105 17.35 6.80 0.37
CA LEU A 105 16.39 7.61 1.10
C LEU A 105 15.89 8.76 0.19
N ILE A 106 14.57 8.84 0.05
CA ILE A 106 13.96 9.79 -0.86
C ILE A 106 13.01 10.78 -0.17
N ALA A 107 12.99 10.77 1.17
CA ALA A 107 12.19 11.74 1.92
C ALA A 107 12.59 11.72 3.39
N TYR A 108 12.34 12.81 4.10
CA TYR A 108 12.48 12.86 5.56
C TYR A 108 11.18 12.39 6.21
N PRO A 109 11.24 11.40 7.12
CA PRO A 109 10.00 11.03 7.82
C PRO A 109 9.66 12.03 8.91
N ILE A 110 8.38 12.33 9.07
CA ILE A 110 7.94 13.30 10.09
C ILE A 110 7.15 12.67 11.23
N ALA A 111 6.08 11.94 10.90
CA ALA A 111 5.16 11.43 11.89
C ALA A 111 4.46 10.15 11.42
N VAL A 112 4.07 9.30 12.36
CA VAL A 112 3.42 8.05 12.04
C VAL A 112 1.93 8.18 12.38
N GLU A 113 1.10 7.96 11.36
CA GLU A 113 -0.34 8.18 11.42
C GLU A 113 -1.08 6.86 11.29
N ALA A 114 -2.11 6.70 12.10
CA ALA A 114 -3.06 5.62 11.95
C ALA A 114 -4.41 6.12 12.42
N LEU A 115 -5.46 5.64 11.77
CA LEU A 115 -6.84 5.90 12.17
C LEU A 115 -7.17 5.27 13.52
N SER A 116 -8.02 5.95 14.27
CA SER A 116 -8.60 5.38 15.50
C SER A 116 -10.10 5.58 15.54
N LEU A 117 -10.73 4.88 16.47
CA LEU A 117 -12.12 5.15 16.74
C LEU A 117 -12.22 6.32 17.70
N ILE A 118 -12.88 7.39 17.25
CA ILE A 118 -13.14 8.56 18.10
C ILE A 118 -14.63 8.54 18.46
N TYR A 119 -14.93 8.67 19.74
CA TYR A 119 -16.34 8.57 20.17
C TYR A 119 -16.70 9.69 21.14
N ASN A 120 -17.99 9.99 21.22
CA ASN A 120 -18.50 11.04 22.08
C ASN A 120 -18.85 10.41 23.44
N LYS A 121 -18.08 10.74 24.47
CA LYS A 121 -18.28 10.12 25.78
C LYS A 121 -19.67 10.34 26.38
N ASP A 122 -20.25 11.52 26.17
CA ASP A 122 -21.59 11.84 26.70
C ASP A 122 -22.72 11.04 26.06
N LEU A 123 -22.61 10.76 24.76
CA LEU A 123 -23.61 9.92 24.08
C LEU A 123 -23.30 8.44 24.24
N LEU A 124 -22.01 8.11 24.25
CA LEU A 124 -21.57 6.72 24.21
C LEU A 124 -20.50 6.45 25.27
N PRO A 125 -20.94 6.18 26.52
CA PRO A 125 -19.96 5.98 27.58
C PRO A 125 -19.05 4.78 27.27
N ASN A 126 -19.66 3.69 26.79
CA ASN A 126 -18.94 2.49 26.40
C ASN A 126 -19.07 2.20 24.90
N PRO A 127 -18.06 2.63 24.11
CA PRO A 127 -18.08 2.40 22.65
C PRO A 127 -18.10 0.91 22.28
N PRO A 128 -18.64 0.57 21.10
CA PRO A 128 -18.74 -0.83 20.72
C PRO A 128 -17.35 -1.44 20.46
N LYS A 129 -17.17 -2.68 20.86
CA LYS A 129 -15.90 -3.35 20.62
C LYS A 129 -15.91 -4.05 19.27
N THR A 130 -17.09 -4.18 18.67
CA THR A 130 -17.24 -4.89 17.38
C THR A 130 -18.00 -4.05 16.35
N TRP A 131 -17.66 -4.22 15.07
CA TRP A 131 -18.44 -3.64 13.99
C TRP A 131 -19.90 -4.17 14.00
N GLU A 132 -20.05 -5.46 14.30
CA GLU A 132 -21.35 -6.16 14.28
C GLU A 132 -22.39 -5.58 15.23
N GLU A 133 -21.95 -4.95 16.30
CA GLU A 133 -22.90 -4.38 17.24
C GLU A 133 -23.34 -2.95 16.87
N ILE A 134 -22.76 -2.40 15.80
CA ILE A 134 -23.07 -1.02 15.41
C ILE A 134 -24.52 -0.81 14.91
N PRO A 135 -25.05 -1.72 14.05
CA PRO A 135 -26.45 -1.60 13.60
C PRO A 135 -27.47 -1.44 14.73
N ALA A 136 -27.38 -2.26 15.79
CA ALA A 136 -28.28 -2.18 16.95
C ALA A 136 -28.05 -0.93 17.78
N LEU A 137 -26.81 -0.48 17.82
CA LEU A 137 -26.46 0.75 18.51
C LEU A 137 -27.06 1.96 17.77
N ASP A 138 -27.00 1.92 16.43
CA ASP A 138 -27.57 2.97 15.59
C ASP A 138 -29.09 3.04 15.71
N LYS A 139 -29.75 1.87 15.68
CA LYS A 139 -31.21 1.82 15.83
C LYS A 139 -31.62 2.49 17.15
N GLU A 140 -30.84 2.22 18.19
CA GLU A 140 -31.04 2.80 19.51
C GLU A 140 -30.80 4.31 19.49
N LEU A 141 -29.75 4.77 18.80
CA LEU A 141 -29.44 6.21 18.76
C LEU A 141 -30.38 7.03 17.88
N LYS A 142 -30.81 6.45 16.75
CA LYS A 142 -31.77 7.08 15.83
C LYS A 142 -33.08 7.40 16.53
N ALA A 143 -33.41 6.59 17.55
CA ALA A 143 -34.58 6.81 18.40
C ALA A 143 -34.45 8.08 19.25
N LYS A 144 -33.22 8.50 19.52
CA LYS A 144 -32.97 9.74 20.26
C LYS A 144 -32.56 10.89 19.35
N GLY A 145 -32.86 10.75 18.05
CA GLY A 145 -32.52 11.75 17.04
C GLY A 145 -31.03 11.87 16.78
N LYS A 146 -30.32 10.74 16.78
CA LYS A 146 -28.87 10.70 16.58
C LYS A 146 -28.48 9.51 15.69
N SER A 147 -27.20 9.38 15.37
CA SER A 147 -26.68 8.22 14.65
C SER A 147 -25.42 7.67 15.32
N ALA A 148 -25.12 6.39 15.08
CA ALA A 148 -23.95 5.74 15.70
C ALA A 148 -22.62 6.23 15.13
N LEU A 149 -22.49 6.28 13.81
CA LEU A 149 -21.19 6.43 13.16
C LEU A 149 -21.27 7.13 11.83
N MET A 150 -20.39 8.12 11.65
CA MET A 150 -20.18 8.77 10.38
C MET A 150 -18.67 8.95 10.19
N PHE A 151 -18.20 8.53 9.03
CA PHE A 151 -16.83 8.70 8.64
C PHE A 151 -16.78 8.82 7.12
N ASN A 152 -15.63 9.28 6.62
CA ASN A 152 -15.47 9.52 5.19
C ASN A 152 -15.56 8.25 4.30
N LEU A 153 -16.59 8.17 3.46
CA LEU A 153 -16.75 6.97 2.60
C LEU A 153 -16.17 7.16 1.20
N GLN A 154 -15.64 8.36 0.94
CA GLN A 154 -15.17 8.74 -0.40
C GLN A 154 -13.70 8.41 -0.60
N GLU A 155 -13.01 8.15 0.51
CA GLU A 155 -11.59 7.85 0.47
C GLU A 155 -11.36 6.47 1.06
N PRO A 156 -10.80 5.55 0.25
CA PRO A 156 -10.68 4.15 0.68
C PRO A 156 -9.81 3.95 1.92
N TYR A 157 -8.95 4.92 2.22
CA TYR A 157 -8.13 4.90 3.41
C TYR A 157 -8.97 4.63 4.69
N PHE A 158 -10.17 5.19 4.73
CA PHE A 158 -11.02 5.08 5.93
C PHE A 158 -11.78 3.76 6.01
N THR A 159 -12.05 3.14 4.86
CA THR A 159 -12.78 1.87 4.83
C THR A 159 -11.85 0.66 4.78
N TRP A 160 -10.58 0.93 4.44
CA TRP A 160 -9.57 -0.12 4.39
C TRP A 160 -9.45 -0.97 5.67
N PRO A 161 -9.41 -0.34 6.88
CA PRO A 161 -9.27 -1.15 8.11
C PRO A 161 -10.29 -2.28 8.25
N LEU A 162 -11.54 -2.02 7.81
CA LEU A 162 -12.62 -3.03 7.74
C LEU A 162 -12.42 -4.09 6.62
N ILE A 163 -12.12 -3.65 5.40
CA ILE A 163 -11.75 -4.58 4.32
C ILE A 163 -10.60 -5.53 4.68
N ALA A 164 -9.59 -5.01 5.38
CA ALA A 164 -8.38 -5.78 5.67
C ALA A 164 -8.55 -6.70 6.89
N ALA A 165 -9.51 -6.35 7.76
CA ALA A 165 -9.66 -7.01 9.06
C ALA A 165 -9.67 -8.52 8.97
N ASP A 166 -10.50 -9.07 8.10
CA ASP A 166 -10.54 -10.53 8.01
C ASP A 166 -9.93 -11.10 6.75
N GLY A 167 -8.97 -10.40 6.15
CA GLY A 167 -8.11 -11.05 5.17
C GLY A 167 -7.77 -10.31 3.90
N GLY A 168 -8.45 -9.19 3.62
CA GLY A 168 -8.01 -8.32 2.52
C GLY A 168 -6.61 -7.82 2.77
N TYR A 169 -5.84 -7.69 1.69
CA TYR A 169 -4.48 -7.12 1.73
C TYR A 169 -4.20 -6.44 0.38
N ALA A 170 -3.22 -5.55 0.33
CA ALA A 170 -2.88 -4.91 -0.93
C ALA A 170 -1.96 -5.82 -1.74
N PHE A 171 -0.67 -5.80 -1.42
CA PHE A 171 0.29 -6.69 -2.09
C PHE A 171 0.86 -7.66 -1.05
N LYS A 172 0.96 -8.93 -1.42
CA LYS A 172 1.59 -9.93 -0.56
C LYS A 172 3.06 -9.60 -0.35
N TYR A 173 3.48 -9.57 0.91
CA TYR A 173 4.87 -9.31 1.23
C TYR A 173 5.59 -10.65 1.37
N GLU A 174 6.44 -10.95 0.39
CA GLU A 174 7.12 -12.24 0.28
C GLU A 174 8.57 -11.97 0.62
N ASN A 175 8.96 -12.48 1.78
CA ASN A 175 10.06 -11.95 2.58
C ASN A 175 11.23 -11.32 1.82
N GLY A 176 11.35 -10.01 2.03
CA GLY A 176 12.16 -9.15 1.20
C GLY A 176 11.30 -8.09 0.54
N LYS A 177 10.25 -8.52 -0.18
CA LYS A 177 9.59 -7.61 -1.12
C LYS A 177 8.13 -7.92 -1.44
N TYR A 178 7.46 -6.97 -2.09
CA TYR A 178 6.06 -7.11 -2.48
C TYR A 178 5.88 -7.77 -3.84
N ASP A 179 4.90 -8.68 -3.91
CA ASP A 179 4.60 -9.37 -5.15
C ASP A 179 3.40 -8.66 -5.80
N ILE A 180 3.66 -7.90 -6.85
CA ILE A 180 2.61 -7.09 -7.49
C ILE A 180 1.55 -7.93 -8.24
N LYS A 181 1.87 -9.20 -8.46
CA LYS A 181 0.94 -10.14 -9.09
C LYS A 181 0.00 -10.76 -8.04
N ASP A 182 0.28 -10.55 -6.76
CA ASP A 182 -0.53 -11.14 -5.71
C ASP A 182 -1.22 -10.05 -4.89
N VAL A 183 -2.44 -9.75 -5.33
CA VAL A 183 -3.26 -8.68 -4.76
C VAL A 183 -4.39 -9.35 -3.95
N GLY A 184 -4.74 -8.79 -2.80
CA GLY A 184 -5.71 -9.42 -1.90
C GLY A 184 -6.98 -8.61 -1.73
N VAL A 185 -7.38 -7.96 -2.81
CA VAL A 185 -8.52 -7.05 -2.82
C VAL A 185 -9.85 -7.79 -3.06
N ASP A 186 -9.80 -8.98 -3.64
CA ASP A 186 -11.04 -9.70 -3.86
C ASP A 186 -11.08 -11.13 -3.32
N ASN A 187 -10.36 -11.34 -2.21
CA ASN A 187 -10.51 -12.60 -1.49
C ASN A 187 -11.75 -12.54 -0.57
N ALA A 188 -12.02 -13.64 0.13
CA ALA A 188 -13.24 -13.78 0.93
C ALA A 188 -13.33 -12.75 2.05
N GLY A 189 -12.19 -12.42 2.66
CA GLY A 189 -12.19 -11.49 3.78
C GLY A 189 -12.44 -10.07 3.37
N ALA A 190 -11.92 -9.70 2.20
CA ALA A 190 -12.16 -8.36 1.64
C ALA A 190 -13.64 -8.21 1.24
N LYS A 191 -14.22 -9.25 0.64
CA LYS A 191 -15.63 -9.28 0.33
C LYS A 191 -16.49 -9.18 1.58
N ALA A 192 -16.17 -9.98 2.60
CA ALA A 192 -16.91 -9.91 3.88
C ALA A 192 -16.93 -8.49 4.45
N GLY A 193 -15.78 -7.84 4.45
CA GLY A 193 -15.67 -6.51 5.04
C GLY A 193 -16.44 -5.46 4.27
N LEU A 194 -16.30 -5.47 2.93
CA LEU A 194 -17.02 -4.50 2.11
C LEU A 194 -18.52 -4.76 2.11
N THR A 195 -18.92 -6.05 2.10
CA THR A 195 -20.32 -6.42 2.25
C THR A 195 -20.94 -5.85 3.50
N PHE A 196 -20.20 -5.90 4.62
CA PHE A 196 -20.71 -5.34 5.87
C PHE A 196 -20.96 -3.84 5.74
N LEU A 197 -20.03 -3.14 5.10
CA LEU A 197 -20.16 -1.70 4.87
C LEU A 197 -21.40 -1.41 4.03
N VAL A 198 -21.55 -2.17 2.97
CA VAL A 198 -22.65 -2.03 2.04
C VAL A 198 -23.98 -2.30 2.74
N ASP A 199 -24.03 -3.35 3.56
CA ASP A 199 -25.23 -3.68 4.34
C ASP A 199 -25.61 -2.59 5.34
N LEU A 200 -24.63 -1.96 5.98
CA LEU A 200 -24.90 -0.79 6.84
C LEU A 200 -25.61 0.32 6.08
N ILE A 201 -25.16 0.55 4.84
CA ILE A 201 -25.79 1.54 3.98
C ILE A 201 -27.20 1.11 3.58
N LYS A 202 -27.33 -0.15 3.13
CA LYS A 202 -28.62 -0.71 2.74
C LYS A 202 -29.63 -0.61 3.87
N ASN A 203 -29.15 -0.88 5.09
CA ASN A 203 -30.02 -0.84 6.27
C ASN A 203 -30.12 0.56 6.88
N LYS A 204 -29.58 1.56 6.17
CA LYS A 204 -29.68 2.98 6.52
C LYS A 204 -28.99 3.39 7.81
N HIS A 205 -27.94 2.65 8.18
CA HIS A 205 -27.11 3.03 9.31
C HIS A 205 -25.98 3.96 8.90
N MET A 206 -25.76 4.08 7.59
CA MET A 206 -24.85 5.07 7.00
C MET A 206 -25.33 5.48 5.60
N ASN A 207 -24.81 6.60 5.11
CA ASN A 207 -25.16 7.16 3.79
C ASN A 207 -23.97 7.10 2.86
N ALA A 208 -24.16 6.50 1.69
CA ALA A 208 -23.08 6.32 0.72
C ALA A 208 -22.36 7.63 0.39
N ASP A 209 -23.05 8.76 0.50
CA ASP A 209 -22.45 10.05 0.13
C ASP A 209 -21.63 10.77 1.22
N THR A 210 -21.57 10.19 2.41
CA THR A 210 -20.78 10.79 3.50
C THR A 210 -19.31 10.97 3.15
N ASP A 211 -18.83 12.20 3.28
CA ASP A 211 -17.43 12.52 3.02
C ASP A 211 -16.77 13.10 4.28
N TYR A 212 -15.53 13.57 4.14
CA TYR A 212 -14.76 14.01 5.29
C TYR A 212 -15.48 15.14 6.05
N SER A 213 -15.81 16.21 5.34
CA SER A 213 -16.37 17.38 5.99
C SER A 213 -17.77 17.10 6.56
N ILE A 214 -18.54 16.22 5.91
CA ILE A 214 -19.88 15.86 6.41
C ILE A 214 -19.74 15.09 7.73
N ALA A 215 -18.88 14.08 7.74
CA ALA A 215 -18.61 13.31 8.95
C ALA A 215 -18.01 14.16 10.09
N GLU A 216 -17.06 15.01 9.76
CA GLU A 216 -16.44 15.87 10.78
C GLU A 216 -17.43 16.86 11.37
N ALA A 217 -18.26 17.49 10.53
CA ALA A 217 -19.25 18.43 11.03
C ALA A 217 -20.24 17.68 11.92
N ALA A 218 -20.67 16.50 11.47
CA ALA A 218 -21.65 15.67 12.18
C ALA A 218 -21.17 15.27 13.58
N PHE A 219 -19.90 14.86 13.68
CA PHE A 219 -19.33 14.50 14.97
C PHE A 219 -19.10 15.72 15.85
N ASN A 220 -18.58 16.79 15.25
CA ASN A 220 -18.18 17.97 16.03
C ASN A 220 -19.37 18.83 16.47
N LYS A 221 -20.56 18.48 15.99
CA LYS A 221 -21.81 19.10 16.46
C LYS A 221 -22.65 18.15 17.33
N GLY A 222 -22.09 16.99 17.68
CA GLY A 222 -22.77 16.03 18.55
C GLY A 222 -23.94 15.32 17.90
N GLU A 223 -23.94 15.22 16.58
CA GLU A 223 -25.03 14.58 15.85
C GLU A 223 -24.86 13.07 15.75
N THR A 224 -23.61 12.63 15.84
CA THR A 224 -23.23 11.23 15.70
C THR A 224 -22.29 10.85 16.86
N ALA A 225 -22.42 9.63 17.36
CA ALA A 225 -21.69 9.17 18.54
C ALA A 225 -20.21 8.80 18.27
N MET A 226 -19.92 8.42 17.03
CA MET A 226 -18.59 7.97 16.66
C MET A 226 -18.15 8.46 15.30
N THR A 227 -16.84 8.63 15.15
CA THR A 227 -16.23 8.84 13.83
C THR A 227 -14.91 8.05 13.76
N ILE A 228 -14.37 7.94 12.56
CA ILE A 228 -13.09 7.29 12.35
C ILE A 228 -12.20 8.33 11.71
N ASN A 229 -11.08 8.64 12.38
CA ASN A 229 -10.19 9.68 11.88
C ASN A 229 -8.81 9.60 12.52
N GLY A 230 -7.90 10.40 11.99
CA GLY A 230 -6.49 10.40 12.44
C GLY A 230 -6.25 11.54 13.41
N PRO A 231 -5.04 11.61 13.98
CA PRO A 231 -4.67 12.61 14.98
C PRO A 231 -4.91 14.06 14.56
N TRP A 232 -4.68 14.38 13.28
CA TRP A 232 -4.91 15.74 12.76
C TRP A 232 -6.31 16.26 13.07
N ALA A 233 -7.27 15.35 13.20
CA ALA A 233 -8.65 15.77 13.46
C ALA A 233 -8.91 16.22 14.89
N TRP A 234 -8.00 15.93 15.82
CA TRP A 234 -8.31 16.19 17.25
C TRP A 234 -8.49 17.66 17.63
N SER A 235 -7.74 18.56 17.03
CA SER A 235 -7.86 19.96 17.48
C SER A 235 -9.20 20.63 17.10
N ASN A 236 -9.81 20.24 15.99
CA ASN A 236 -11.17 20.73 15.69
C ASN A 236 -12.21 20.18 16.71
N ILE A 237 -12.03 18.93 17.16
CA ILE A 237 -12.87 18.39 18.22
C ILE A 237 -12.59 19.13 19.54
N ASP A 238 -11.33 19.47 19.82
CA ASP A 238 -11.02 20.30 21.01
C ASP A 238 -11.81 21.61 20.96
N THR A 239 -11.80 22.27 19.80
CA THR A 239 -12.49 23.54 19.60
C THR A 239 -14.00 23.37 19.81
N SER A 240 -14.52 22.23 19.35
CA SER A 240 -15.94 21.94 19.42
C SER A 240 -16.41 21.69 20.85
N LYS A 241 -15.47 21.39 21.74
CA LYS A 241 -15.77 21.08 23.15
C LYS A 241 -16.62 19.81 23.36
N VAL A 242 -16.72 18.96 22.34
CA VAL A 242 -17.31 17.64 22.52
C VAL A 242 -16.39 16.87 23.48
N ASN A 243 -16.99 16.11 24.38
CA ASN A 243 -16.29 15.24 25.32
C ASN A 243 -15.98 13.93 24.61
N TYR A 244 -14.77 13.83 24.07
CA TYR A 244 -14.43 12.70 23.21
C TYR A 244 -13.32 11.83 23.77
N GLY A 245 -13.29 10.58 23.33
CA GLY A 245 -12.20 9.67 23.63
C GLY A 245 -11.69 9.08 22.32
N VAL A 246 -10.46 8.57 22.35
CA VAL A 246 -9.85 7.95 21.18
C VAL A 246 -9.46 6.53 21.59
N THR A 247 -9.99 5.55 20.87
CA THR A 247 -9.83 4.15 21.29
C THR A 247 -9.54 3.20 20.12
N VAL A 248 -9.44 1.91 20.43
CA VAL A 248 -9.12 0.94 19.39
C VAL A 248 -10.31 0.80 18.44
N LEU A 249 -10.04 0.63 17.16
CA LEU A 249 -11.08 0.38 16.19
C LEU A 249 -11.84 -0.91 16.54
N PRO A 250 -13.13 -1.00 16.15
CA PRO A 250 -13.88 -2.23 16.45
C PRO A 250 -13.33 -3.44 15.68
N THR A 251 -13.61 -4.64 16.19
CA THR A 251 -13.21 -5.86 15.51
C THR A 251 -14.27 -6.25 14.46
N PHE A 252 -13.82 -6.97 13.44
CA PHE A 252 -14.74 -7.50 12.46
C PHE A 252 -14.51 -9.00 12.36
N LYS A 253 -15.58 -9.76 12.56
CA LYS A 253 -15.50 -11.21 12.69
C LYS A 253 -14.44 -11.64 13.72
N GLY A 254 -14.36 -10.88 14.81
CA GLY A 254 -13.43 -11.18 15.90
C GLY A 254 -11.99 -10.70 15.69
N GLN A 255 -11.71 -10.16 14.51
CA GLN A 255 -10.37 -9.80 14.07
C GLN A 255 -10.21 -8.27 14.16
N PRO A 256 -9.05 -7.79 14.66
CA PRO A 256 -8.82 -6.34 14.72
C PRO A 256 -8.98 -5.67 13.37
N SER A 257 -9.51 -4.44 13.37
CA SER A 257 -9.48 -3.61 12.18
C SER A 257 -8.02 -3.31 11.88
N LYS A 258 -7.66 -3.26 10.61
CA LYS A 258 -6.24 -3.24 10.22
C LYS A 258 -5.94 -2.00 9.38
N PRO A 259 -5.73 -0.84 10.04
CA PRO A 259 -5.48 0.39 9.28
C PRO A 259 -4.17 0.31 8.54
N PHE A 260 -4.14 0.90 7.35
CA PHE A 260 -2.89 1.11 6.60
C PHE A 260 -2.22 2.31 7.28
N VAL A 261 -0.99 2.11 7.73
CA VAL A 261 -0.29 3.11 8.54
C VAL A 261 0.61 3.94 7.63
N GLY A 262 0.47 5.26 7.74
CA GLY A 262 1.21 6.17 6.90
C GLY A 262 2.26 6.90 7.72
N VAL A 263 3.43 7.13 7.13
CA VAL A 263 4.47 7.97 7.72
C VAL A 263 4.43 9.29 6.94
N LEU A 264 3.91 10.34 7.56
CA LEU A 264 3.92 11.65 6.92
C LEU A 264 5.39 11.98 6.64
N SER A 265 5.72 12.31 5.40
CA SER A 265 7.10 12.51 5.00
C SER A 265 7.26 13.77 4.16
N ALA A 266 8.48 14.29 4.10
CA ALA A 266 8.76 15.46 3.26
C ALA A 266 9.85 15.15 2.23
N GLY A 267 9.48 15.24 0.95
CA GLY A 267 10.42 15.01 -0.13
C GLY A 267 10.81 16.34 -0.76
N ILE A 268 12.00 16.35 -1.37
CA ILE A 268 12.50 17.52 -2.08
C ILE A 268 12.32 17.30 -3.59
N ASN A 269 11.69 18.26 -4.26
CA ASN A 269 11.52 18.30 -5.71
C ASN A 269 12.88 18.28 -6.44
N ALA A 270 13.08 17.32 -7.36
CA ALA A 270 14.30 17.25 -8.17
C ALA A 270 14.51 18.51 -9.01
N ALA A 271 13.43 19.21 -9.33
CA ALA A 271 13.52 20.41 -10.17
C ALA A 271 13.90 21.66 -9.35
N SER A 272 13.97 21.53 -8.03
CA SER A 272 14.28 22.67 -7.18
C SER A 272 15.76 23.10 -7.25
N PRO A 273 16.00 24.42 -7.44
CA PRO A 273 17.34 24.96 -7.32
C PRO A 273 17.68 25.28 -5.84
N ASN A 274 16.82 24.85 -4.92
CA ASN A 274 17.00 25.12 -3.48
C ASN A 274 17.16 23.88 -2.59
N LYS A 275 17.80 22.85 -3.11
CA LYS A 275 17.82 21.57 -2.42
C LYS A 275 18.56 21.65 -1.08
N GLU A 276 19.65 22.41 -1.05
CA GLU A 276 20.42 22.59 0.19
C GLU A 276 19.66 23.41 1.25
N LEU A 277 19.02 24.50 0.84
CA LEU A 277 18.15 25.26 1.73
C LEU A 277 17.01 24.39 2.24
N ALA A 278 16.43 23.56 1.36
CA ALA A 278 15.32 22.68 1.77
C ALA A 278 15.79 21.71 2.85
N LYS A 279 16.95 21.08 2.63
CA LYS A 279 17.59 20.18 3.60
C LYS A 279 17.79 20.87 4.94
N GLU A 280 18.36 22.07 4.87
CA GLU A 280 18.64 22.85 6.08
C GLU A 280 17.37 23.18 6.86
N PHE A 281 16.30 23.57 6.17
CA PHE A 281 15.01 23.83 6.83
C PHE A 281 14.40 22.58 7.48
N LEU A 282 14.42 21.46 6.76
CA LEU A 282 13.86 20.23 7.29
C LEU A 282 14.66 19.68 8.48
N GLU A 283 15.99 19.58 8.34
CA GLU A 283 16.83 19.03 9.40
C GLU A 283 16.93 19.94 10.64
N ASN A 284 17.10 21.25 10.44
CA ASN A 284 17.46 22.14 11.56
C ASN A 284 16.31 22.97 12.10
N TYR A 285 15.20 23.03 11.38
CA TYR A 285 14.06 23.79 11.87
C TYR A 285 12.84 22.90 12.15
N LEU A 286 12.41 22.15 11.14
CA LEU A 286 11.22 21.32 11.30
C LEU A 286 11.47 20.13 12.24
N LEU A 287 12.43 19.28 11.88
CA LEU A 287 12.67 18.06 12.65
C LEU A 287 13.46 18.34 13.94
N THR A 288 12.93 19.28 14.71
CA THR A 288 13.42 19.59 16.06
C THR A 288 12.24 19.49 17.02
N ASP A 289 12.48 19.48 18.33
CA ASP A 289 11.39 19.53 19.32
C ASP A 289 10.46 20.75 19.10
N GLU A 290 11.07 21.93 18.96
CA GLU A 290 10.36 23.18 18.75
C GLU A 290 9.58 23.23 17.43
N GLY A 291 10.21 22.75 16.36
CA GLY A 291 9.57 22.73 15.03
C GLY A 291 8.34 21.82 15.01
N LEU A 292 8.52 20.59 15.44
CA LEU A 292 7.42 19.65 15.53
C LEU A 292 6.32 20.07 16.49
N GLU A 293 6.70 20.67 17.62
CA GLU A 293 5.70 21.19 18.56
C GLU A 293 4.86 22.33 17.92
N ALA A 294 5.50 23.24 17.20
CA ALA A 294 4.77 24.30 16.46
C ALA A 294 3.70 23.69 15.53
N VAL A 295 4.07 22.65 14.78
CA VAL A 295 3.09 21.99 13.91
C VAL A 295 2.03 21.25 14.71
N ASN A 296 2.48 20.43 15.66
CA ASN A 296 1.60 19.61 16.47
C ASN A 296 0.56 20.43 17.22
N LYS A 297 0.96 21.60 17.72
CA LYS A 297 0.04 22.54 18.41
C LYS A 297 -1.09 23.00 17.50
N ASP A 298 -0.79 23.14 16.20
CA ASP A 298 -1.82 23.50 15.20
C ASP A 298 -2.76 22.31 14.93
N LYS A 299 -2.22 21.24 14.35
CA LYS A 299 -2.97 19.99 14.20
C LYS A 299 -2.05 18.85 14.62
N PRO A 300 -2.51 18.00 15.54
CA PRO A 300 -1.64 16.89 16.01
C PRO A 300 -1.05 16.02 14.91
N LEU A 301 0.26 15.74 15.01
CA LEU A 301 0.97 14.92 14.02
C LEU A 301 0.74 13.41 14.19
N GLY A 302 0.38 12.99 15.39
CA GLY A 302 0.42 11.55 15.73
C GLY A 302 1.70 11.25 16.49
N ALA A 303 2.24 10.04 16.27
CA ALA A 303 3.53 9.66 16.86
C ALA A 303 4.68 10.13 15.96
N VAL A 304 5.49 11.07 16.42
CA VAL A 304 6.49 11.68 15.55
C VAL A 304 7.72 10.77 15.37
N ALA A 305 8.42 10.93 14.25
CA ALA A 305 9.69 10.22 13.96
C ALA A 305 10.86 10.60 14.88
N LEU A 306 10.85 11.85 15.36
CA LEU A 306 11.89 12.37 16.26
C LEU A 306 11.73 11.76 17.64
N LYS A 307 12.72 10.97 18.09
CA LYS A 307 12.63 10.24 19.36
C LYS A 307 12.46 11.15 20.57
N SER A 308 13.25 12.23 20.61
CA SER A 308 13.23 13.17 21.74
C SER A 308 11.84 13.75 22.00
N TYR A 309 11.13 14.15 20.94
CA TYR A 309 9.75 14.63 21.07
C TYR A 309 8.68 13.53 21.20
N GLU A 310 8.87 12.38 20.54
CA GLU A 310 7.93 11.27 20.68
C GLU A 310 7.86 10.77 22.13
N GLU A 311 8.97 10.90 22.83
CA GLU A 311 9.01 10.50 24.23
C GLU A 311 8.05 11.30 25.12
N GLU A 312 7.84 12.56 24.78
CA GLU A 312 6.81 13.39 25.42
C GLU A 312 5.39 13.12 24.90
N LEU A 313 5.27 12.90 23.60
CA LEU A 313 3.96 12.62 23.00
C LEU A 313 3.40 11.25 23.37
N ALA A 314 4.29 10.28 23.57
CA ALA A 314 3.88 8.91 23.93
C ALA A 314 2.97 8.87 25.16
N LYS A 315 3.15 9.86 26.05
CA LYS A 315 2.38 9.99 27.31
C LYS A 315 0.88 10.28 27.12
N ASP A 316 0.52 10.82 25.95
CA ASP A 316 -0.86 11.18 25.65
C ASP A 316 -1.67 9.90 25.39
N PRO A 317 -2.75 9.66 26.17
CA PRO A 317 -3.58 8.47 25.90
C PRO A 317 -4.12 8.38 24.47
N ARG A 318 -4.26 9.52 23.80
CA ARG A 318 -4.73 9.54 22.42
C ARG A 318 -3.64 9.00 21.49
N ILE A 319 -2.37 9.26 21.84
CA ILE A 319 -1.23 8.73 21.08
C ILE A 319 -1.06 7.22 21.35
N ALA A 320 -1.38 6.81 22.57
CA ALA A 320 -1.31 5.39 22.91
C ALA A 320 -2.30 4.62 22.05
N ALA A 321 -3.53 5.12 21.94
CA ALA A 321 -4.58 4.50 21.11
C ALA A 321 -4.16 4.47 19.64
N THR A 322 -3.56 5.56 19.19
CA THR A 322 -3.04 5.64 17.83
C THR A 322 -2.01 4.53 17.57
N MET A 323 -1.08 4.36 18.50
CA MET A 323 -0.06 3.32 18.41
C MET A 323 -0.64 1.89 18.48
N GLU A 324 -1.68 1.70 19.29
CA GLU A 324 -2.31 0.38 19.40
C GLU A 324 -2.95 0.04 18.05
N ASN A 325 -3.62 1.01 17.46
CA ASN A 325 -4.23 0.80 16.15
C ASN A 325 -3.17 0.54 15.07
N ALA A 326 -2.08 1.32 15.13
CA ALA A 326 -0.97 1.18 14.18
C ALA A 326 -0.42 -0.24 14.29
N GLN A 327 -0.22 -0.70 15.53
CA GLN A 327 0.35 -2.02 15.80
C GLN A 327 -0.50 -3.16 15.23
N LYS A 328 -1.81 -2.94 15.16
CA LYS A 328 -2.75 -3.90 14.59
C LYS A 328 -2.83 -3.77 13.06
N GLY A 329 -2.29 -2.71 12.52
CA GLY A 329 -2.37 -2.50 11.06
C GLY A 329 -1.07 -2.91 10.39
N GLU A 330 -0.78 -2.28 9.25
CA GLU A 330 0.41 -2.55 8.44
C GLU A 330 0.92 -1.23 7.88
N ILE A 331 2.25 -1.08 7.83
CA ILE A 331 2.84 0.12 7.21
C ILE A 331 2.58 -0.03 5.71
N MET A 332 2.17 1.03 5.05
CA MET A 332 1.89 0.95 3.62
C MET A 332 3.18 0.65 2.87
N PRO A 333 3.08 -0.08 1.74
CA PRO A 333 4.20 -0.16 0.83
C PRO A 333 4.41 1.26 0.28
N ASN A 334 5.61 1.54 -0.23
CA ASN A 334 5.85 2.78 -0.94
C ASN A 334 6.02 2.55 -2.44
N ILE A 335 5.75 1.34 -2.92
CA ILE A 335 6.03 0.97 -4.32
C ILE A 335 5.20 1.79 -5.35
N PRO A 336 5.74 2.01 -6.57
CA PRO A 336 5.02 2.80 -7.58
C PRO A 336 3.57 2.37 -7.80
N GLN A 337 3.31 1.08 -7.64
CA GLN A 337 1.99 0.50 -7.86
C GLN A 337 0.92 0.97 -6.88
N MET A 338 1.33 1.63 -5.80
CA MET A 338 0.35 2.03 -4.75
C MET A 338 -0.75 2.94 -5.23
N SER A 339 -0.46 3.85 -6.14
CA SER A 339 -1.53 4.76 -6.58
C SER A 339 -2.60 4.05 -7.43
N ALA A 340 -2.16 3.14 -8.32
CA ALA A 340 -3.09 2.25 -9.01
C ALA A 340 -3.94 1.43 -8.06
N PHE A 341 -3.33 0.90 -6.98
CA PHE A 341 -4.08 0.18 -5.95
C PHE A 341 -5.17 1.07 -5.32
N TRP A 342 -4.79 2.29 -4.92
CA TRP A 342 -5.71 3.15 -4.21
C TRP A 342 -6.85 3.60 -5.10
N TYR A 343 -6.53 3.93 -6.35
CA TYR A 343 -7.58 4.30 -7.30
C TYR A 343 -8.59 3.17 -7.51
N ALA A 344 -8.08 1.95 -7.62
CA ALA A 344 -8.91 0.77 -7.81
C ALA A 344 -9.82 0.50 -6.59
N VAL A 345 -9.27 0.61 -5.39
CA VAL A 345 -10.05 0.39 -4.17
C VAL A 345 -11.05 1.56 -3.99
N ARG A 346 -10.65 2.78 -4.41
CA ARG A 346 -11.56 3.95 -4.30
C ARG A 346 -12.82 3.69 -5.13
N THR A 347 -12.59 3.36 -6.39
CA THR A 347 -13.67 3.02 -7.33
C THR A 347 -14.55 1.90 -6.77
N ALA A 348 -13.95 0.82 -6.30
CA ALA A 348 -14.72 -0.31 -5.79
C ALA A 348 -15.71 0.07 -4.67
N VAL A 349 -15.22 0.81 -3.69
CA VAL A 349 -16.00 1.13 -2.51
C VAL A 349 -17.10 2.09 -2.85
N ILE A 350 -16.78 3.14 -3.61
CA ILE A 350 -17.80 4.08 -4.14
C ILE A 350 -18.87 3.35 -4.98
N ASN A 351 -18.41 2.44 -5.84
CA ASN A 351 -19.36 1.70 -6.67
C ASN A 351 -20.23 0.73 -5.88
N ALA A 352 -19.62 0.00 -4.95
CA ALA A 352 -20.39 -0.91 -4.10
C ALA A 352 -21.31 -0.19 -3.11
N ALA A 353 -20.82 0.90 -2.53
CA ALA A 353 -21.62 1.68 -1.56
C ALA A 353 -22.87 2.29 -2.18
N SER A 354 -22.76 2.75 -3.42
CA SER A 354 -23.91 3.37 -4.11
C SER A 354 -24.77 2.37 -4.87
N GLY A 355 -24.41 1.08 -4.83
CA GLY A 355 -25.14 0.03 -5.56
C GLY A 355 -24.87 0.00 -7.07
N ARG A 356 -23.96 0.83 -7.54
CA ARG A 356 -23.56 0.82 -8.95
C ARG A 356 -23.07 -0.55 -9.40
N GLN A 357 -22.33 -1.22 -8.50
CA GLN A 357 -21.88 -2.58 -8.71
C GLN A 357 -22.18 -3.40 -7.46
N THR A 358 -22.33 -4.70 -7.60
CA THR A 358 -22.32 -5.57 -6.42
C THR A 358 -20.91 -5.61 -5.84
N VAL A 359 -20.80 -6.02 -4.57
CA VAL A 359 -19.50 -6.21 -3.91
C VAL A 359 -18.60 -7.11 -4.78
N ASP A 360 -19.18 -8.19 -5.31
CA ASP A 360 -18.43 -9.11 -6.17
C ASP A 360 -17.89 -8.47 -7.44
N GLU A 361 -18.77 -7.83 -8.22
CA GLU A 361 -18.35 -7.07 -9.40
C GLU A 361 -17.32 -6.02 -9.05
N ALA A 362 -17.56 -5.28 -7.97
CA ALA A 362 -16.67 -4.17 -7.62
C ALA A 362 -15.25 -4.63 -7.26
N LEU A 363 -15.14 -5.71 -6.48
CA LEU A 363 -13.82 -6.18 -6.06
C LEU A 363 -13.04 -6.97 -7.14
N LYS A 364 -13.77 -7.69 -8.00
CA LYS A 364 -13.19 -8.36 -9.17
C LYS A 364 -12.52 -7.31 -10.03
N ASP A 365 -13.23 -6.22 -10.32
CA ASP A 365 -12.63 -5.13 -11.11
C ASP A 365 -11.43 -4.47 -10.43
N ALA A 366 -11.49 -4.29 -9.12
CA ALA A 366 -10.37 -3.67 -8.40
C ALA A 366 -9.12 -4.57 -8.42
N GLN A 367 -9.34 -5.87 -8.29
CA GLN A 367 -8.27 -6.86 -8.42
C GLN A 367 -7.60 -6.74 -9.79
N THR A 368 -8.41 -6.69 -10.86
CA THR A 368 -7.91 -6.53 -12.23
C THR A 368 -7.08 -5.26 -12.38
N ASN A 369 -7.50 -4.18 -11.73
CA ASN A 369 -6.85 -2.88 -11.90
C ASN A 369 -5.63 -2.63 -11.00
N ALA A 370 -5.72 -3.03 -9.73
CA ALA A 370 -4.56 -2.99 -8.83
C ALA A 370 -3.38 -3.87 -9.29
N ALA A 371 -3.67 -4.88 -10.13
CA ALA A 371 -2.65 -5.79 -10.68
C ALA A 371 -2.29 -5.49 -12.15
N ALA A 372 -3.00 -4.54 -12.77
CA ALA A 372 -2.68 -4.03 -14.10
C ALA A 372 -1.92 -2.71 -14.00
N VAL A 377 5.02 -3.59 -18.12
CA VAL A 377 4.42 -4.89 -18.42
C VAL A 377 5.34 -5.71 -19.34
N MET A 378 5.65 -6.95 -18.95
CA MET A 378 6.38 -7.85 -19.84
C MET A 378 5.50 -8.21 -21.05
N THR A 379 6.05 -7.97 -22.23
CA THR A 379 5.39 -8.30 -23.49
C THR A 379 5.66 -9.76 -23.89
N LYS A 380 4.85 -10.27 -24.82
CA LYS A 380 5.10 -11.58 -25.43
C LYS A 380 6.52 -11.62 -26.09
N GLU A 381 6.86 -10.54 -26.84
CA GLU A 381 8.19 -10.40 -27.50
C GLU A 381 9.36 -10.54 -26.53
N GLU A 382 9.22 -9.90 -25.38
CA GLU A 382 10.10 -10.04 -24.23
C GLU A 382 10.21 -11.48 -23.72
N GLN A 383 9.04 -12.06 -23.43
CA GLN A 383 8.93 -13.44 -22.95
C GLN A 383 9.60 -14.45 -23.89
N ILE A 384 9.47 -14.20 -25.19
CA ILE A 384 10.04 -15.06 -26.22
C ILE A 384 11.55 -14.95 -26.20
N PHE A 385 12.04 -13.74 -25.98
CA PHE A 385 13.47 -13.57 -25.82
C PHE A 385 13.98 -14.30 -24.57
N LEU A 386 13.25 -14.20 -23.46
CA LEU A 386 13.68 -14.86 -22.22
C LEU A 386 13.76 -16.37 -22.38
N LEU A 387 12.79 -16.94 -23.10
CA LEU A 387 12.77 -18.37 -23.40
C LEU A 387 13.97 -18.75 -24.28
N HIS A 388 14.30 -17.88 -25.24
CA HIS A 388 15.45 -18.09 -26.11
C HIS A 388 16.77 -18.10 -25.31
N ARG A 389 16.81 -17.30 -24.26
CA ARG A 389 17.95 -17.20 -23.36
C ARG A 389 18.13 -18.47 -22.53
N ALA A 390 17.03 -18.93 -21.94
CA ALA A 390 17.00 -20.17 -21.19
C ALA A 390 17.32 -21.36 -22.11
N GLN A 391 16.85 -21.29 -23.36
CA GLN A 391 17.17 -22.33 -24.33
C GLN A 391 18.67 -22.42 -24.66
N ALA A 392 19.29 -21.27 -24.93
CA ALA A 392 20.74 -21.22 -25.20
C ALA A 392 21.53 -21.74 -24.01
N GLN A 393 21.13 -21.31 -22.83
CA GLN A 393 21.70 -21.77 -21.57
C GLN A 393 21.54 -23.29 -21.41
N CYS A 394 20.42 -23.83 -21.89
CA CYS A 394 20.21 -25.27 -21.87
C CYS A 394 21.14 -26.01 -22.84
N GLU A 395 21.32 -25.45 -24.04
CA GLU A 395 22.17 -26.06 -25.06
C GLU A 395 23.65 -26.07 -24.67
N LYS A 396 24.10 -24.96 -24.07
CA LYS A 396 25.45 -24.90 -23.50
C LYS A 396 25.61 -25.96 -22.42
N ARG A 397 24.53 -26.25 -21.72
CA ARG A 397 24.56 -27.28 -20.70
C ARG A 397 24.68 -28.69 -21.31
N LEU A 398 23.94 -28.95 -22.39
CA LEU A 398 23.98 -30.25 -23.07
C LEU A 398 25.32 -30.52 -23.76
N LYS A 399 26.00 -29.46 -24.20
CA LYS A 399 27.33 -29.58 -24.82
C LYS A 399 28.29 -30.40 -23.95
N GLU A 400 28.43 -29.98 -22.69
CA GLU A 400 29.40 -30.58 -21.78
C GLU A 400 28.94 -31.93 -21.23
N VAL A 401 27.64 -32.05 -21.00
CA VAL A 401 27.07 -33.28 -20.44
C VAL A 401 27.15 -34.42 -21.47
N LEU A 402 26.81 -34.09 -22.71
CA LEU A 402 26.62 -35.09 -23.77
C LEU A 402 27.67 -34.97 -24.87
N ARG A 448 24.81 -52.05 -13.50
CA ARG A 448 23.89 -52.20 -14.62
C ARG A 448 22.47 -51.76 -14.25
N TYR A 449 21.76 -52.58 -13.47
CA TYR A 449 20.35 -52.29 -13.14
C TYR A 449 20.16 -50.91 -12.51
N ARG A 450 19.49 -50.05 -13.27
CA ARG A 450 19.27 -48.64 -12.95
C ARG A 450 20.58 -47.84 -12.92
N GLY A 451 21.49 -48.20 -13.83
CA GLY A 451 22.75 -47.47 -13.93
C GLY A 451 22.86 -46.58 -15.16
N ARG A 452 21.74 -46.34 -15.83
CA ARG A 452 21.71 -45.45 -17.00
C ARG A 452 20.65 -44.36 -16.83
N PRO A 453 21.08 -43.08 -16.69
CA PRO A 453 20.17 -41.98 -16.48
C PRO A 453 19.47 -41.51 -17.75
N CYS A 454 18.35 -40.78 -17.58
CA CYS A 454 17.70 -40.09 -18.69
C CYS A 454 18.51 -38.84 -18.98
N LEU A 455 18.59 -38.47 -20.24
CA LEU A 455 19.47 -37.37 -20.66
C LEU A 455 18.79 -36.01 -20.50
N PRO A 456 19.57 -34.96 -20.16
CA PRO A 456 18.99 -33.63 -20.07
C PRO A 456 18.41 -33.20 -21.42
N GLU A 457 17.29 -32.46 -21.39
CA GLU A 457 16.77 -31.89 -22.62
C GLU A 457 15.97 -30.60 -22.45
N TRP A 458 15.80 -29.90 -23.56
CA TRP A 458 14.98 -28.72 -23.65
C TRP A 458 13.60 -29.11 -24.19
N ASP A 459 12.52 -28.71 -23.51
CA ASP A 459 11.20 -29.08 -23.99
C ASP A 459 10.38 -27.90 -24.51
N HIS A 460 11.06 -26.80 -24.84
CA HIS A 460 10.46 -25.52 -25.29
C HIS A 460 10.06 -24.58 -24.15
N ILE A 461 10.17 -25.05 -22.90
CA ILE A 461 9.89 -24.22 -21.72
C ILE A 461 10.99 -24.27 -20.67
N LEU A 462 11.44 -25.49 -20.38
CA LEU A 462 12.32 -25.83 -19.26
C LEU A 462 13.47 -26.67 -19.78
N CYS A 463 14.63 -26.52 -19.16
CA CYS A 463 15.73 -27.45 -19.38
C CYS A 463 15.69 -28.55 -18.32
N TRP A 464 15.47 -29.81 -18.74
CA TRP A 464 15.40 -30.93 -17.79
C TRP A 464 16.80 -31.48 -17.53
N PRO A 465 17.14 -31.74 -16.26
CA PRO A 465 18.49 -32.23 -15.98
C PRO A 465 18.58 -33.73 -16.20
N LEU A 466 19.74 -34.31 -15.93
CA LEU A 466 19.89 -35.75 -15.86
C LEU A 466 18.86 -36.33 -14.92
N GLY A 467 18.24 -37.43 -15.33
CA GLY A 467 17.26 -38.12 -14.50
C GLY A 467 17.80 -39.46 -14.01
N ALA A 468 17.68 -39.71 -12.72
CA ALA A 468 17.99 -41.05 -12.17
C ALA A 468 16.95 -42.06 -12.63
N PRO A 469 17.39 -43.22 -13.16
CA PRO A 469 16.41 -44.18 -13.68
C PRO A 469 15.45 -44.65 -12.61
N GLY A 470 14.17 -44.69 -12.96
CA GLY A 470 13.15 -45.13 -12.03
C GLY A 470 12.61 -44.02 -11.13
N GLU A 471 13.10 -42.80 -11.30
CA GLU A 471 12.70 -41.71 -10.38
C GLU A 471 11.91 -40.58 -11.04
N VAL A 472 11.10 -39.90 -10.24
CA VAL A 472 10.41 -38.69 -10.65
C VAL A 472 11.48 -37.58 -10.61
N VAL A 473 11.48 -36.73 -11.61
CA VAL A 473 12.39 -35.61 -11.65
C VAL A 473 11.58 -34.31 -11.49
N ALA A 474 11.95 -33.50 -10.49
CA ALA A 474 11.25 -32.26 -10.19
C ALA A 474 12.13 -31.07 -10.56
N VAL A 475 11.56 -30.11 -11.29
CA VAL A 475 12.25 -28.83 -11.60
C VAL A 475 11.38 -27.65 -11.13
N PRO A 476 11.99 -26.67 -10.43
CA PRO A 476 11.25 -25.46 -10.04
C PRO A 476 10.59 -24.79 -11.25
N CYS A 477 9.34 -24.31 -11.09
CA CYS A 477 8.69 -23.59 -12.19
C CYS A 477 9.57 -22.38 -12.48
N PRO A 478 10.08 -22.28 -13.72
CA PRO A 478 11.15 -21.34 -14.06
C PRO A 478 10.84 -19.87 -13.85
N ASP A 479 11.81 -19.14 -13.27
CA ASP A 479 11.69 -17.71 -12.99
C ASP A 479 11.42 -16.86 -14.21
N TYR A 480 11.96 -17.27 -15.37
CA TYR A 480 11.91 -16.47 -16.58
C TYR A 480 10.56 -16.54 -17.30
N ILE A 481 9.65 -17.38 -16.78
CA ILE A 481 8.26 -17.39 -17.23
C ILE A 481 7.42 -16.52 -16.29
N TYR A 482 7.11 -15.30 -16.74
CA TYR A 482 6.43 -14.31 -15.90
C TYR A 482 5.17 -14.85 -15.25
N ASP A 483 4.35 -15.55 -16.03
CA ASP A 483 3.03 -15.96 -15.59
C ASP A 483 3.01 -17.21 -14.67
N PHE A 484 4.17 -17.85 -14.51
CA PHE A 484 4.22 -19.08 -13.70
C PHE A 484 4.12 -18.82 -12.20
N ASN A 485 3.65 -19.84 -11.48
CA ASN A 485 3.76 -19.92 -10.03
C ASN A 485 5.18 -20.36 -9.68
N HIS A 486 5.97 -19.44 -9.13
CA HIS A 486 7.41 -19.71 -8.96
C HIS A 486 7.80 -20.54 -7.72
N LYS A 487 6.83 -20.82 -6.87
CA LYS A 487 7.03 -21.72 -5.73
C LYS A 487 6.71 -23.17 -6.10
N GLY A 488 6.21 -23.40 -7.31
CA GLY A 488 5.84 -24.74 -7.74
C GLY A 488 6.94 -25.49 -8.48
N HIS A 489 6.67 -26.77 -8.77
CA HIS A 489 7.54 -27.59 -9.59
C HIS A 489 6.80 -28.22 -10.73
N ALA A 490 7.54 -28.45 -11.81
CA ALA A 490 7.13 -29.29 -12.89
C ALA A 490 7.82 -30.66 -12.73
N TYR A 491 7.19 -31.71 -13.26
CA TYR A 491 7.69 -33.07 -13.08
C TYR A 491 7.76 -33.87 -14.39
N ARG A 492 8.80 -34.68 -14.49
CA ARG A 492 8.91 -35.73 -15.49
C ARG A 492 9.11 -37.02 -14.74
N ARG A 493 8.97 -38.13 -15.43
CA ARG A 493 9.32 -39.43 -14.88
C ARG A 493 10.41 -40.07 -15.72
N CYS A 494 11.50 -40.47 -15.06
CA CYS A 494 12.56 -41.18 -15.76
C CYS A 494 12.39 -42.68 -15.52
N ASP A 495 12.17 -43.46 -16.59
CA ASP A 495 11.99 -44.92 -16.43
C ASP A 495 13.26 -45.69 -16.05
N ARG A 496 13.09 -46.97 -15.68
CA ARG A 496 14.19 -47.81 -15.16
C ARG A 496 15.33 -48.00 -16.16
N ASN A 497 15.06 -47.79 -17.43
CA ASN A 497 16.06 -47.98 -18.48
C ASN A 497 16.77 -46.71 -18.91
N GLY A 498 16.44 -45.60 -18.26
CA GLY A 498 16.99 -44.30 -18.62
C GLY A 498 16.34 -43.62 -19.83
N SER A 499 15.08 -43.93 -20.09
CA SER A 499 14.30 -43.17 -21.07
C SER A 499 13.23 -42.39 -20.32
N TRP A 500 12.99 -41.15 -20.75
CA TRP A 500 11.89 -40.36 -20.19
C TRP A 500 10.58 -41.06 -20.51
N GLU A 501 9.69 -41.14 -19.53
CA GLU A 501 8.40 -41.78 -19.74
C GLU A 501 7.53 -41.06 -20.75
N LEU A 502 6.92 -41.83 -21.64
CA LEU A 502 6.05 -41.30 -22.67
C LEU A 502 4.60 -41.42 -22.21
N VAL A 503 3.78 -40.48 -22.67
CA VAL A 503 2.31 -40.59 -22.59
C VAL A 503 1.88 -41.84 -23.34
N PRO A 504 1.08 -42.72 -22.70
CA PRO A 504 0.54 -43.88 -23.40
C PRO A 504 -0.31 -43.48 -24.61
N GLY A 505 -0.07 -44.14 -25.74
CA GLY A 505 -0.86 -43.92 -26.95
C GLY A 505 -0.39 -42.75 -27.78
N HIS A 506 0.70 -42.13 -27.35
CA HIS A 506 1.31 -41.01 -28.07
C HIS A 506 2.84 -41.09 -27.99
N ASN A 507 3.50 -40.31 -28.83
CA ASN A 507 4.96 -40.27 -28.81
C ASN A 507 5.55 -39.17 -27.95
N ARG A 508 4.68 -38.42 -27.25
CA ARG A 508 5.13 -37.29 -26.47
C ARG A 508 5.62 -37.70 -25.09
N THR A 509 6.53 -36.91 -24.53
CA THR A 509 7.08 -37.16 -23.20
C THR A 509 6.05 -36.73 -22.15
N TRP A 510 5.86 -37.57 -21.14
CA TRP A 510 5.04 -37.21 -19.97
C TRP A 510 5.68 -36.06 -19.20
N ALA A 511 4.89 -35.00 -19.01
CA ALA A 511 5.32 -33.86 -18.21
C ALA A 511 4.14 -33.19 -17.54
N ASN A 512 4.28 -32.86 -16.26
CA ASN A 512 3.21 -32.27 -15.50
C ASN A 512 3.58 -30.89 -15.05
N TYR A 513 2.92 -29.90 -15.67
CA TYR A 513 3.16 -28.51 -15.36
C TYR A 513 2.02 -27.89 -14.57
N SER A 514 1.13 -28.71 -14.01
CA SER A 514 -0.06 -28.14 -13.34
C SER A 514 0.26 -27.22 -12.14
N GLU A 515 1.32 -27.51 -11.40
CA GLU A 515 1.72 -26.58 -10.32
C GLU A 515 2.21 -25.21 -10.83
N CYS A 516 2.78 -25.19 -12.02
CA CYS A 516 3.30 -23.94 -12.62
C CYS A 516 2.19 -22.97 -13.03
N VAL A 517 1.14 -23.52 -13.64
CA VAL A 517 0.02 -22.74 -14.17
C VAL A 517 -1.12 -22.61 -13.16
N LYS A 518 -0.78 -22.83 -11.88
CA LYS A 518 -1.75 -22.84 -10.79
C LYS A 518 -2.65 -21.60 -10.75
N PHE A 519 -2.04 -20.44 -10.96
CA PHE A 519 -2.75 -19.17 -10.82
C PHE A 519 -3.23 -18.60 -12.16
N LEU A 520 -3.54 -19.48 -13.09
CA LEU A 520 -4.11 -19.11 -14.38
C LEU A 520 -5.51 -19.73 -14.55
N THR A 521 -6.32 -19.66 -13.49
CA THR A 521 -7.67 -20.25 -13.40
C THR A 521 -7.70 -21.75 -13.72
N LYS B 2 -8.71 -3.35 -19.19
CA LYS B 2 -7.59 -4.33 -19.02
C LYS B 2 -6.38 -3.93 -19.88
N SER B 3 -5.46 -4.87 -20.09
CA SER B 3 -4.22 -4.61 -20.83
C SER B 3 -3.95 -5.70 -21.89
N ILE B 4 -3.68 -5.21 -23.13
CA ILE B 4 -3.55 -6.12 -24.29
C ILE B 4 -2.25 -6.92 -24.25
N GLN B 5 -1.24 -6.36 -23.62
CA GLN B 5 0.03 -7.04 -23.50
C GLN B 5 -0.06 -8.29 -22.63
N ASP B 6 -0.82 -8.23 -21.55
CA ASP B 6 -1.11 -9.43 -20.75
C ASP B 6 -1.82 -10.50 -21.57
N LEU B 7 -2.78 -10.06 -22.38
CA LEU B 7 -3.62 -10.96 -23.19
C LEU B 7 -2.75 -11.75 -24.17
N ARG B 8 -1.91 -11.03 -24.92
CA ARG B 8 -0.99 -11.63 -25.89
C ARG B 8 0.03 -12.53 -25.22
N ARG B 9 0.64 -12.06 -24.14
CA ARG B 9 1.64 -12.85 -23.41
C ARG B 9 1.06 -14.14 -22.85
N ARG B 10 -0.09 -14.04 -22.16
CA ARG B 10 -0.74 -15.18 -21.52
C ARG B 10 -1.33 -16.18 -22.54
N PHE B 11 -1.91 -15.67 -23.62
CA PHE B 11 -2.37 -16.53 -24.71
C PHE B 11 -1.22 -17.32 -25.34
N PHE B 12 -0.11 -16.63 -25.63
CA PHE B 12 1.13 -17.27 -26.06
C PHE B 12 1.56 -18.41 -25.13
N LEU B 13 1.60 -18.15 -23.82
CA LEU B 13 2.00 -19.16 -22.85
C LEU B 13 1.02 -20.33 -22.79
N HIS B 14 -0.28 -20.05 -22.82
CA HIS B 14 -1.33 -21.07 -22.84
C HIS B 14 -1.14 -22.02 -24.01
N HIS B 15 -0.85 -21.46 -25.18
CA HIS B 15 -0.62 -22.23 -26.39
C HIS B 15 0.57 -23.17 -26.26
N LEU B 16 1.67 -22.65 -25.71
CA LEU B 16 2.90 -23.42 -25.50
C LEU B 16 2.74 -24.55 -24.47
N ILE B 17 2.10 -24.22 -23.34
CA ILE B 17 1.78 -25.15 -22.29
C ILE B 17 0.91 -26.31 -22.80
N ALA B 18 -0.11 -25.97 -23.60
CA ALA B 18 -1.06 -26.97 -24.12
C ALA B 18 -0.36 -28.12 -24.87
N GLU B 19 0.68 -27.79 -25.62
CA GLU B 19 1.45 -28.80 -26.37
C GLU B 19 2.34 -29.68 -25.48
N ILE B 20 2.89 -29.09 -24.40
CA ILE B 20 4.00 -29.68 -23.65
C ILE B 20 3.56 -30.39 -22.36
N HIS B 21 2.59 -29.79 -21.68
CA HIS B 21 1.98 -30.40 -20.51
C HIS B 21 1.06 -31.54 -21.00
N THR B 22 1.44 -32.78 -20.71
CA THR B 22 0.81 -33.97 -21.31
C THR B 22 0.18 -34.86 -20.25
N ALA B 23 0.47 -34.55 -18.99
CA ALA B 23 -0.10 -35.25 -17.83
C ALA B 23 -1.64 -35.19 -17.79
#